data_6GAK
#
_entry.id   6GAK
#
_cell.length_a   53.370
_cell.length_b   37.190
_cell.length_c   94.940
_cell.angle_alpha   90.00
_cell.angle_beta   102.66
_cell.angle_gamma   90.00
#
_symmetry.space_group_name_H-M   'P 1 21 1'
#
loop_
_entity.id
_entity.type
_entity.pdbx_description
1 polymer 'Outer capsid protein sigma-1'
2 non-polymer 'CHLORIDE ION'
3 water water
#
_entity_poly.entity_id   1
_entity_poly.type   'polypeptide(L)'
_entity_poly.pdbx_seq_one_letter_code
;MAEEIKKQVQVNVDDIRAANIKLDGLGRQIADISNSISTIESRLGEMDNRLVGISSQVTQLSNSVSQNTQSISSLGDRIN
AVEPRVDSLDTVTSNLTGRTSTLEADVGSLRTELAALTTRVTTEVTRLDGLIN
;
_entity_poly.pdbx_strand_id   A,B,C
#
# COMPACT_ATOMS: atom_id res chain seq x y z
N GLU A 3 -23.40 -59.13 72.26
CA GLU A 3 -23.90 -60.04 71.25
C GLU A 3 -23.30 -59.65 69.89
N GLU A 4 -23.36 -60.60 68.93
CA GLU A 4 -22.87 -60.31 67.58
C GLU A 4 -23.74 -59.23 66.90
N ILE A 5 -25.03 -59.19 67.17
CA ILE A 5 -25.92 -58.16 66.60
C ILE A 5 -25.49 -56.76 67.04
N LYS A 6 -25.34 -56.54 68.34
CA LYS A 6 -24.98 -55.23 68.87
C LYS A 6 -23.65 -54.71 68.24
N LYS A 7 -22.69 -55.60 68.09
CA LYS A 7 -21.39 -55.27 67.50
C LYS A 7 -21.54 -54.86 66.04
N GLN A 8 -22.36 -55.60 65.28
CA GLN A 8 -22.55 -55.26 63.85
C GLN A 8 -23.31 -53.94 63.72
N VAL A 9 -24.30 -53.69 64.60
CA VAL A 9 -25.03 -52.41 64.52
C VAL A 9 -24.05 -51.24 64.74
N GLN A 10 -23.10 -51.42 65.70
CA GLN A 10 -22.09 -50.34 65.92
C GLN A 10 -21.16 -50.17 64.74
N VAL A 11 -20.72 -51.28 64.12
CA VAL A 11 -19.90 -51.25 62.89
C VAL A 11 -20.69 -50.47 61.76
N ASN A 12 -22.02 -50.76 61.67
CA ASN A 12 -22.85 -50.04 60.69
C ASN A 12 -22.93 -48.57 60.97
N VAL A 13 -23.07 -48.16 62.27
CA VAL A 13 -23.04 -46.74 62.59
C VAL A 13 -21.74 -46.14 62.05
N ASP A 14 -20.62 -46.79 62.36
CA ASP A 14 -19.32 -46.22 61.96
C ASP A 14 -19.16 -46.22 60.42
N ASP A 15 -19.67 -47.30 59.74
CA ASP A 15 -19.54 -47.34 58.29
C ASP A 15 -20.43 -46.29 57.60
N ILE A 16 -21.61 -45.99 58.19
CA ILE A 16 -22.48 -44.98 57.60
C ILE A 16 -21.83 -43.58 57.77
N ARG A 17 -21.22 -43.37 58.95
CA ARG A 17 -20.52 -42.07 59.14
C ARG A 17 -19.35 -41.96 58.17
N ALA A 18 -18.57 -43.09 57.93
CA ALA A 18 -17.48 -43.02 56.97
C ALA A 18 -18.01 -42.67 55.53
N ALA A 19 -19.16 -43.26 55.15
CA ALA A 19 -19.79 -42.93 53.85
C ALA A 19 -20.21 -41.43 53.80
N ASN A 20 -20.74 -40.89 54.92
CA ASN A 20 -21.11 -39.47 54.90
C ASN A 20 -19.90 -38.57 54.80
N ILE A 21 -18.81 -38.95 55.46
CA ILE A 21 -17.58 -38.13 55.34
C ILE A 21 -17.08 -38.13 53.90
N LYS A 22 -17.10 -39.29 53.25
CA LYS A 22 -16.62 -39.44 51.87
C LYS A 22 -17.54 -38.70 50.91
N LEU A 23 -18.88 -38.79 51.15
CA LEU A 23 -19.85 -38.03 50.33
C LEU A 23 -19.57 -36.51 50.45
N ASP A 24 -19.30 -36.00 51.67
CA ASP A 24 -19.01 -34.60 51.92
C ASP A 24 -17.74 -34.19 51.20
N GLY A 25 -16.75 -35.08 51.15
CA GLY A 25 -15.51 -34.84 50.42
C GLY A 25 -15.78 -34.72 48.92
N LEU A 26 -16.63 -35.61 48.36
CA LEU A 26 -16.98 -35.55 46.92
C LEU A 26 -17.75 -34.25 46.65
N GLY A 27 -18.56 -33.78 47.62
CA GLY A 27 -19.31 -32.52 47.53
C GLY A 27 -18.38 -31.32 47.42
N ARG A 28 -17.24 -31.38 48.16
CA ARG A 28 -16.20 -30.32 48.11
C ARG A 28 -15.46 -30.39 46.81
N GLN A 29 -15.16 -31.62 46.29
CA GLN A 29 -14.47 -31.76 45.01
C GLN A 29 -15.34 -31.22 43.86
N ILE A 30 -16.67 -31.42 43.96
CA ILE A 30 -17.57 -30.92 42.91
C ILE A 30 -17.62 -29.40 42.98
N ALA A 31 -17.60 -28.82 44.18
CA ALA A 31 -17.56 -27.34 44.34
C ALA A 31 -16.27 -26.78 43.73
N ASP A 32 -15.14 -27.48 43.90
CA ASP A 32 -13.86 -27.03 43.30
C ASP A 32 -13.93 -27.11 41.76
N ILE A 33 -14.51 -28.20 41.24
CA ILE A 33 -14.66 -28.35 39.78
C ILE A 33 -15.56 -27.21 39.26
N SER A 34 -16.65 -26.87 39.98
CA SER A 34 -17.53 -25.75 39.54
C SER A 34 -16.73 -24.44 39.47
N ASN A 35 -15.73 -24.25 40.37
CA ASN A 35 -14.88 -23.06 40.30
C ASN A 35 -14.02 -23.10 39.08
N SER A 36 -13.41 -24.27 38.75
CA SER A 36 -12.60 -24.42 37.55
C SER A 36 -13.43 -24.05 36.31
N ILE A 37 -14.68 -24.55 36.26
CA ILE A 37 -15.58 -24.27 35.10
CA ILE A 37 -15.56 -24.27 35.10
C ILE A 37 -15.86 -22.78 35.01
N SER A 38 -16.14 -22.11 36.14
CA SER A 38 -16.43 -20.66 36.18
CA SER A 38 -16.44 -20.67 36.11
C SER A 38 -15.24 -19.88 35.58
N THR A 39 -14.01 -20.26 35.95
CA THR A 39 -12.80 -19.59 35.45
C THR A 39 -12.64 -19.85 33.96
N ILE A 40 -12.88 -21.08 33.50
CA ILE A 40 -12.79 -21.43 32.07
C ILE A 40 -13.80 -20.59 31.29
N GLU A 41 -15.02 -20.47 31.79
CA GLU A 41 -16.05 -19.65 31.12
C GLU A 41 -15.65 -18.18 31.03
N SER A 42 -15.03 -17.67 32.10
CA SER A 42 -14.54 -16.28 32.16
CA SER A 42 -14.54 -16.27 32.15
C SER A 42 -13.44 -16.09 31.11
N ARG A 43 -12.53 -17.08 30.97
CA ARG A 43 -11.44 -17.06 29.98
C ARG A 43 -11.97 -17.10 28.57
N LEU A 44 -13.00 -17.92 28.28
CA LEU A 44 -13.63 -17.95 26.98
C LEU A 44 -14.26 -16.58 26.67
N GLY A 45 -14.89 -15.92 27.65
CA GLY A 45 -15.51 -14.60 27.44
C GLY A 45 -14.48 -13.54 27.12
N GLU A 46 -13.33 -13.59 27.80
CA GLU A 46 -12.23 -12.67 27.51
C GLU A 46 -11.66 -12.93 26.12
N MET A 47 -11.51 -14.22 25.74
CA MET A 47 -10.94 -14.55 24.43
CA MET A 47 -10.98 -14.62 24.42
C MET A 47 -11.88 -14.11 23.31
N ASP A 48 -13.17 -14.27 23.51
CA ASP A 48 -14.18 -13.81 22.54
C ASP A 48 -14.02 -12.28 22.33
N ASN A 49 -13.79 -11.55 23.43
CA ASN A 49 -13.63 -10.11 23.36
C ASN A 49 -12.35 -9.74 22.62
N ARG A 50 -11.26 -10.47 22.86
CA ARG A 50 -9.97 -10.24 22.19
C ARG A 50 -10.12 -10.45 20.70
N LEU A 51 -10.86 -11.52 20.29
CA LEU A 51 -11.06 -11.80 18.86
C LEU A 51 -11.91 -10.69 18.24
N VAL A 52 -12.90 -10.16 18.97
CA VAL A 52 -13.71 -9.03 18.45
C VAL A 52 -12.77 -7.77 18.26
N GLY A 53 -11.92 -7.46 19.21
CA GLY A 53 -11.00 -6.34 19.16
C GLY A 53 -10.01 -6.47 18.00
N ILE A 54 -9.49 -7.68 17.79
CA ILE A 54 -8.56 -7.94 16.66
C ILE A 54 -9.33 -7.76 15.33
N SER A 55 -10.53 -8.33 15.21
CA SER A 55 -11.35 -8.20 13.99
C SER A 55 -11.61 -6.74 13.67
N SER A 56 -11.89 -5.92 14.67
CA SER A 56 -12.17 -4.50 14.49
C SER A 56 -10.89 -3.79 13.97
N GLN A 57 -9.73 -4.15 14.53
CA GLN A 57 -8.46 -3.55 14.10
C GLN A 57 -8.19 -3.95 12.65
N VAL A 58 -8.45 -5.22 12.28
CA VAL A 58 -8.19 -5.70 10.91
C VAL A 58 -9.13 -5.00 9.94
N THR A 59 -10.40 -4.79 10.30
CA THR A 59 -11.37 -4.05 9.48
C THR A 59 -10.90 -2.63 9.21
N GLN A 60 -10.49 -1.88 10.24
CA GLN A 60 -9.93 -0.52 10.13
C GLN A 60 -8.68 -0.50 9.25
N LEU A 61 -7.76 -1.48 9.46
CA LEU A 61 -6.53 -1.59 8.66
C LEU A 61 -6.90 -1.88 7.19
N SER A 62 -7.92 -2.71 6.95
CA SER A 62 -8.36 -3.02 5.60
C SER A 62 -8.90 -1.76 4.87
N ASN A 63 -9.55 -0.83 5.61
CA ASN A 63 -10.01 0.44 5.06
C ASN A 63 -8.81 1.29 4.67
N SER A 64 -7.76 1.30 5.49
CA SER A 64 -6.53 2.06 5.15
C SER A 64 -5.82 1.49 3.94
N VAL A 65 -5.80 0.15 3.84
CA VAL A 65 -5.19 -0.55 2.68
C VAL A 65 -5.96 -0.21 1.39
N SER A 66 -7.31 -0.22 1.46
CA SER A 66 -8.15 0.14 0.30
CA SER A 66 -8.16 0.13 0.32
C SER A 66 -7.86 1.57 -0.13
N GLN A 67 -7.68 2.49 0.84
CA GLN A 67 -7.35 3.89 0.54
C GLN A 67 -5.99 3.93 -0.21
N ASN A 68 -5.02 3.14 0.26
CA ASN A 68 -3.70 3.10 -0.40
C ASN A 68 -3.79 2.51 -1.79
N THR A 69 -4.53 1.38 -1.98
CA THR A 69 -4.67 0.81 -3.32
C THR A 69 -5.28 1.85 -4.30
N GLN A 70 -6.29 2.65 -3.81
CA GLN A 70 -6.94 3.69 -4.61
CA GLN A 70 -6.93 3.68 -4.62
C GLN A 70 -5.94 4.81 -4.96
N SER A 71 -5.17 5.26 -3.94
CA SER A 71 -4.17 6.34 -4.16
C SER A 71 -3.12 5.87 -5.17
N ILE A 72 -2.69 4.60 -5.10
CA ILE A 72 -1.71 4.02 -6.01
C ILE A 72 -2.26 4.04 -7.46
N SER A 73 -3.54 3.70 -7.63
CA SER A 73 -4.17 3.72 -8.97
C SER A 73 -4.19 5.18 -9.50
N SER A 74 -4.49 6.18 -8.64
CA SER A 74 -4.52 7.59 -9.04
C SER A 74 -3.09 8.05 -9.45
N LEU A 75 -2.06 7.65 -8.67
CA LEU A 75 -0.70 8.04 -9.04
C LEU A 75 -0.31 7.39 -10.36
N GLY A 76 -0.72 6.12 -10.57
CA GLY A 76 -0.46 5.38 -11.81
C GLY A 76 -1.06 6.12 -13.00
N ASP A 77 -2.28 6.65 -12.86
CA ASP A 77 -2.96 7.39 -13.93
C ASP A 77 -2.11 8.65 -14.28
N ARG A 78 -1.59 9.33 -13.23
CA ARG A 78 -0.82 10.56 -13.43
C ARG A 78 0.51 10.29 -14.12
N ILE A 79 1.25 9.23 -13.69
CA ILE A 79 2.50 8.86 -14.33
CA ILE A 79 2.52 8.84 -14.34
C ILE A 79 2.26 8.35 -15.77
N ASN A 80 1.14 7.63 -15.98
CA ASN A 80 0.78 7.16 -17.33
C ASN A 80 0.61 8.33 -18.25
N ALA A 81 0.02 9.45 -17.75
CA ALA A 81 -0.21 10.61 -18.59
C ALA A 81 1.10 11.38 -18.86
N VAL A 82 2.01 11.43 -17.85
CA VAL A 82 3.28 12.20 -17.96
C VAL A 82 4.23 11.63 -18.96
N GLU A 83 4.45 10.33 -18.90
CA GLU A 83 5.48 9.65 -19.65
C GLU A 83 5.47 9.92 -21.16
N PRO A 84 4.34 9.75 -21.84
CA PRO A 84 4.35 10.04 -23.30
C PRO A 84 4.56 11.55 -23.58
N ARG A 85 4.18 12.44 -22.66
CA ARG A 85 4.41 13.89 -22.85
C ARG A 85 5.90 14.18 -22.82
N VAL A 86 6.66 13.47 -21.95
CA VAL A 86 8.13 13.64 -21.91
C VAL A 86 8.77 13.02 -23.17
N ASP A 87 8.26 11.87 -23.63
CA ASP A 87 8.76 11.29 -24.87
C ASP A 87 8.48 12.27 -26.07
N SER A 88 7.29 12.90 -26.10
CA SER A 88 6.94 13.84 -27.17
C SER A 88 7.90 15.05 -27.13
N LEU A 89 8.20 15.57 -25.92
CA LEU A 89 9.08 16.73 -25.80
C LEU A 89 10.46 16.38 -26.28
N ASP A 90 11.00 15.14 -25.99
CA ASP A 90 12.30 14.73 -26.53
C ASP A 90 12.30 14.81 -28.07
N THR A 91 11.21 14.31 -28.70
CA THR A 91 11.11 14.30 -30.17
C THR A 91 11.07 15.72 -30.71
N VAL A 92 10.18 16.53 -30.14
CA VAL A 92 10.00 17.92 -30.60
C VAL A 92 11.27 18.73 -30.41
N THR A 93 11.91 18.66 -29.23
CA THR A 93 13.13 19.44 -29.01
C THR A 93 14.28 18.95 -29.89
N SER A 94 14.36 17.65 -30.12
CA SER A 94 15.41 17.10 -31.02
C SER A 94 15.21 17.64 -32.47
N ASN A 95 13.96 17.67 -32.94
CA ASN A 95 13.65 18.20 -34.27
C ASN A 95 14.04 19.70 -34.33
N LEU A 96 13.66 20.50 -33.29
CA LEU A 96 13.99 21.91 -33.30
C LEU A 96 15.49 22.14 -33.26
N THR A 97 16.25 21.31 -32.49
CA THR A 97 17.69 21.50 -32.41
CA THR A 97 17.67 21.57 -32.45
C THR A 97 18.32 21.34 -33.83
N GLY A 98 17.89 20.31 -34.53
CA GLY A 98 18.36 20.02 -35.88
C GLY A 98 18.09 21.15 -36.85
N ARG A 99 16.84 21.72 -36.77
CA ARG A 99 16.41 22.86 -37.59
C ARG A 99 17.17 24.14 -37.21
N THR A 100 17.53 24.29 -35.88
CA THR A 100 18.29 25.50 -35.47
C THR A 100 19.70 25.39 -36.01
N SER A 101 20.33 24.19 -36.00
CA SER A 101 21.71 24.05 -36.58
C SER A 101 21.64 24.36 -38.09
N THR A 102 20.56 23.92 -38.76
CA THR A 102 20.45 24.25 -40.22
C THR A 102 20.33 25.76 -40.44
N LEU A 103 19.52 26.44 -39.61
CA LEU A 103 19.37 27.88 -39.70
C LEU A 103 20.74 28.56 -39.42
N GLU A 104 21.48 28.10 -38.43
CA GLU A 104 22.80 28.73 -38.16
C GLU A 104 23.72 28.56 -39.37
N ALA A 105 23.72 27.38 -40.06
CA ALA A 105 24.57 27.20 -41.25
C ALA A 105 24.12 28.13 -42.39
N ASP A 106 22.80 28.24 -42.55
CA ASP A 106 22.25 29.08 -43.63
CA ASP A 106 22.25 29.07 -43.63
C ASP A 106 22.56 30.56 -43.42
N VAL A 107 22.37 31.04 -42.22
CA VAL A 107 22.65 32.42 -41.88
C VAL A 107 24.18 32.70 -42.03
N GLY A 108 25.04 31.75 -41.60
CA GLY A 108 26.50 31.94 -41.76
C GLY A 108 26.88 32.13 -43.23
N SER A 109 26.25 31.28 -44.10
CA SER A 109 26.45 31.33 -45.56
CA SER A 109 26.51 31.36 -45.53
C SER A 109 25.98 32.68 -46.11
N LEU A 110 24.77 33.13 -45.71
CA LEU A 110 24.20 34.42 -46.17
C LEU A 110 25.08 35.61 -45.74
N ARG A 111 25.64 35.56 -44.54
CA ARG A 111 26.51 36.62 -44.03
CA ARG A 111 26.54 36.61 -44.01
C ARG A 111 27.74 36.71 -44.94
N THR A 112 28.33 35.57 -45.28
CA THR A 112 29.56 35.56 -46.18
C THR A 112 29.19 36.09 -47.56
N GLU A 113 28.03 35.64 -48.06
CA GLU A 113 27.58 36.07 -49.41
CA GLU A 113 27.56 36.07 -49.39
C GLU A 113 27.26 37.58 -49.42
N LEU A 114 26.67 38.11 -48.32
CA LEU A 114 26.40 39.55 -48.28
C LEU A 114 27.71 40.41 -48.24
N ALA A 115 28.71 39.90 -47.52
CA ALA A 115 30.03 40.57 -47.48
C ALA A 115 30.68 40.56 -48.88
N ALA A 116 30.52 39.44 -49.63
CA ALA A 116 31.08 39.31 -51.01
C ALA A 116 30.37 40.30 -51.96
N LEU A 117 29.00 40.40 -51.83
CA LEU A 117 28.29 41.37 -52.69
C LEU A 117 28.66 42.83 -52.32
N THR A 118 28.87 43.10 -51.04
CA THR A 118 29.28 44.45 -50.60
C THR A 118 30.65 44.82 -51.27
N THR A 119 31.61 43.87 -51.22
CA THR A 119 32.93 44.05 -51.83
C THR A 119 32.76 44.27 -53.32
N ARG A 120 31.89 43.47 -53.96
CA ARG A 120 31.67 43.57 -55.41
C ARG A 120 31.09 44.92 -55.80
N VAL A 121 30.15 45.45 -55.02
CA VAL A 121 29.62 46.77 -55.34
C VAL A 121 30.77 47.81 -55.24
N THR A 122 31.61 47.72 -54.20
CA THR A 122 32.74 48.67 -54.12
C THR A 122 33.69 48.55 -55.30
N THR A 123 34.09 47.34 -55.66
CA THR A 123 35.06 47.09 -56.78
CA THR A 123 35.07 47.20 -56.76
C THR A 123 34.47 47.57 -58.12
N GLU A 124 33.21 47.25 -58.38
CA GLU A 124 32.59 47.64 -59.67
C GLU A 124 32.37 49.15 -59.76
N VAL A 125 31.97 49.80 -58.65
CA VAL A 125 31.75 51.25 -58.67
C VAL A 125 33.12 51.94 -58.91
N THR A 126 34.18 51.44 -58.23
CA THR A 126 35.55 51.98 -58.40
C THR A 126 35.95 51.86 -59.84
N ARG A 127 35.74 50.68 -60.47
CA ARG A 127 36.11 50.41 -61.85
C ARG A 127 35.38 51.37 -62.79
N LEU A 128 34.03 51.49 -62.64
CA LEU A 128 33.23 52.41 -63.49
C LEU A 128 33.68 53.86 -63.35
N ASP A 129 33.95 54.32 -62.11
CA ASP A 129 34.45 55.67 -61.83
C ASP A 129 35.76 55.95 -62.56
N GLY A 130 36.65 54.96 -62.57
CA GLY A 130 37.95 55.01 -63.25
C GLY A 130 37.83 55.16 -64.76
N LEU A 131 36.78 54.60 -65.37
CA LEU A 131 36.54 54.69 -66.83
C LEU A 131 35.91 56.04 -67.22
N ILE A 132 35.21 56.71 -66.32
CA ILE A 132 34.56 57.99 -66.59
C ILE A 132 35.54 59.17 -66.46
N ASN A 133 36.05 59.44 -65.25
N ALA B 2 -36.50 -60.31 67.13
CA ALA B 2 -35.07 -60.63 67.12
C ALA B 2 -34.64 -61.10 65.73
N GLU B 3 -35.40 -62.06 65.12
CA GLU B 3 -35.16 -62.55 63.76
C GLU B 3 -35.36 -61.39 62.78
N GLU B 4 -36.34 -60.53 63.07
CA GLU B 4 -36.65 -59.34 62.28
C GLU B 4 -35.43 -58.40 62.35
N ILE B 5 -34.87 -58.21 63.59
CA ILE B 5 -33.72 -57.34 63.83
C ILE B 5 -32.50 -57.82 63.06
N LYS B 6 -32.14 -59.10 63.22
CA LYS B 6 -30.98 -59.70 62.57
C LYS B 6 -31.08 -59.53 61.06
N LYS B 7 -32.26 -59.76 60.48
CA LYS B 7 -32.47 -59.63 59.04
C LYS B 7 -32.26 -58.17 58.59
N GLN B 8 -32.81 -57.19 59.33
CA GLN B 8 -32.66 -55.79 58.93
C GLN B 8 -31.18 -55.35 59.07
N VAL B 9 -30.47 -55.86 60.06
CA VAL B 9 -29.04 -55.49 60.22
C VAL B 9 -28.27 -56.03 59.00
N GLN B 10 -28.60 -57.23 58.54
CA GLN B 10 -27.95 -57.81 57.34
C GLN B 10 -28.27 -57.03 56.07
N VAL B 11 -29.51 -56.61 55.90
CA VAL B 11 -29.91 -55.76 54.77
C VAL B 11 -29.15 -54.40 54.84
N ASN B 12 -28.96 -53.84 56.07
CA ASN B 12 -28.19 -52.60 56.22
C ASN B 12 -26.76 -52.80 55.85
N VAL B 13 -26.17 -53.95 56.18
CA VAL B 13 -24.79 -54.26 55.79
C VAL B 13 -24.73 -54.22 54.23
N ASP B 14 -25.76 -54.83 53.59
CA ASP B 14 -25.78 -54.90 52.11
C ASP B 14 -25.83 -53.53 51.50
N ASP B 15 -26.74 -52.72 52.06
CA ASP B 15 -27.02 -51.40 51.54
C ASP B 15 -25.83 -50.46 51.72
N ILE B 16 -25.07 -50.63 52.81
CA ILE B 16 -23.88 -49.79 53.03
C ILE B 16 -22.83 -50.17 51.98
N ARG B 17 -22.67 -51.47 51.71
CA ARG B 17 -21.75 -51.90 50.62
C ARG B 17 -22.20 -51.36 49.26
N ALA B 18 -23.52 -51.39 48.93
CA ALA B 18 -23.99 -50.82 47.66
C ALA B 18 -23.67 -49.31 47.58
N ALA B 19 -23.84 -48.59 48.71
CA ALA B 19 -23.53 -47.18 48.74
C ALA B 19 -22.05 -46.90 48.43
N ASN B 20 -21.17 -47.75 48.98
CA ASN B 20 -19.74 -47.61 48.80
C ASN B 20 -19.37 -47.93 47.35
N ILE B 21 -20.07 -48.86 46.68
CA ILE B 21 -19.84 -49.09 45.22
C ILE B 21 -20.27 -47.84 44.41
N LYS B 22 -21.38 -47.21 44.79
CA LYS B 22 -21.86 -46.01 44.08
C LYS B 22 -20.86 -44.87 44.31
N LEU B 23 -20.29 -44.74 45.55
CA LEU B 23 -19.27 -43.70 45.80
C LEU B 23 -18.04 -43.92 44.92
N ASP B 24 -17.62 -45.19 44.75
CA ASP B 24 -16.45 -45.51 43.91
C ASP B 24 -16.73 -45.11 42.47
N GLY B 25 -17.91 -45.37 41.99
CA GLY B 25 -18.31 -44.97 40.63
C GLY B 25 -18.31 -43.46 40.42
N LEU B 26 -18.78 -42.73 41.43
CA LEU B 26 -18.76 -41.25 41.34
C LEU B 26 -17.33 -40.73 41.33
N GLY B 27 -16.40 -41.32 42.12
CA GLY B 27 -15.00 -40.91 42.08
C GLY B 27 -14.41 -41.15 40.70
N ARG B 28 -14.77 -42.24 40.02
CA ARG B 28 -14.23 -42.46 38.66
C ARG B 28 -14.75 -41.38 37.70
N GLN B 29 -16.01 -40.99 37.86
CA GLN B 29 -16.59 -39.92 37.02
C GLN B 29 -15.87 -38.59 37.28
N ILE B 30 -15.51 -38.34 38.55
CA ILE B 30 -14.82 -37.09 38.88
C ILE B 30 -13.44 -37.10 38.25
N ALA B 31 -12.79 -38.27 38.21
CA ALA B 31 -11.46 -38.39 37.59
C ALA B 31 -11.56 -38.11 36.09
N ASP B 32 -12.65 -38.56 35.44
CA ASP B 32 -12.84 -38.31 34.01
C ASP B 32 -13.06 -36.80 33.76
N ILE B 33 -13.90 -36.15 34.62
CA ILE B 33 -14.11 -34.70 34.51
C ILE B 33 -12.77 -33.98 34.70
N SER B 34 -11.94 -34.39 35.70
CA SER B 34 -10.65 -33.71 35.95
C SER B 34 -9.74 -33.81 34.71
N ASN B 35 -9.80 -34.90 34.00
CA ASN B 35 -9.03 -35.08 32.77
C ASN B 35 -9.53 -34.10 31.71
N SER B 36 -10.85 -34.02 31.51
CA SER B 36 -11.46 -33.12 30.52
CA SER B 36 -11.45 -33.11 30.51
C SER B 36 -11.08 -31.69 30.83
N ILE B 37 -11.10 -31.30 32.12
CA ILE B 37 -10.74 -29.94 32.53
C ILE B 37 -9.26 -29.65 32.19
N SER B 38 -8.35 -30.59 32.48
CA SER B 38 -6.92 -30.46 32.16
CA SER B 38 -6.93 -30.41 32.16
C SER B 38 -6.71 -30.22 30.67
N THR B 39 -7.41 -30.98 29.79
CA THR B 39 -7.29 -30.83 28.36
C THR B 39 -7.87 -29.51 27.90
N ILE B 40 -9.01 -29.09 28.47
CA ILE B 40 -9.61 -27.78 28.15
C ILE B 40 -8.61 -26.66 28.51
N GLU B 41 -7.95 -26.77 29.66
CA GLU B 41 -6.97 -25.77 30.09
C GLU B 41 -5.78 -25.70 29.12
N SER B 42 -5.35 -26.83 28.58
CA SER B 42 -4.26 -26.82 27.57
C SER B 42 -4.76 -26.19 26.27
N ARG B 43 -6.02 -26.47 25.88
CA ARG B 43 -6.61 -25.86 24.67
C ARG B 43 -6.73 -24.34 24.79
N LEU B 44 -7.03 -23.87 26.02
CA LEU B 44 -7.10 -22.44 26.33
C LEU B 44 -5.71 -21.83 26.08
N GLY B 45 -4.65 -22.58 26.41
CA GLY B 45 -3.28 -22.14 26.15
C GLY B 45 -2.91 -22.14 24.69
N GLU B 46 -3.28 -23.16 23.92
CA GLU B 46 -2.98 -23.15 22.49
C GLU B 46 -3.71 -21.97 21.77
N MET B 47 -4.94 -21.67 22.22
CA MET B 47 -5.70 -20.59 21.61
CA MET B 47 -5.75 -20.58 21.68
C MET B 47 -5.09 -19.24 21.97
N ASP B 48 -4.59 -19.10 23.20
CA ASP B 48 -3.88 -17.92 23.67
C ASP B 48 -2.64 -17.72 22.76
N ASN B 49 -1.94 -18.83 22.41
CA ASN B 49 -0.77 -18.76 21.54
CA ASN B 49 -0.76 -18.85 21.52
C ASN B 49 -1.13 -18.28 20.16
N ARG B 50 -2.23 -18.79 19.60
CA ARG B 50 -2.69 -18.38 18.28
C ARG B 50 -3.03 -16.91 18.27
N LEU B 51 -3.68 -16.41 19.34
CA LEU B 51 -4.05 -15.00 19.48
C LEU B 51 -2.81 -14.12 19.59
N VAL B 52 -1.75 -14.59 20.27
CA VAL B 52 -0.48 -13.86 20.34
C VAL B 52 0.14 -13.72 18.94
N GLY B 53 0.16 -14.83 18.19
CA GLY B 53 0.69 -14.87 16.84
C GLY B 53 -0.05 -13.92 15.91
N ILE B 54 -1.40 -13.94 15.99
CA ILE B 54 -2.21 -13.05 15.15
C ILE B 54 -1.96 -11.61 15.52
N SER B 55 -1.92 -11.27 16.79
CA SER B 55 -1.72 -9.89 17.27
C SER B 55 -0.36 -9.35 16.76
N SER B 56 0.70 -10.19 16.77
CA SER B 56 2.04 -9.79 16.30
C SER B 56 2.00 -9.56 14.77
N GLN B 57 1.28 -10.43 14.01
CA GLN B 57 1.11 -10.22 12.58
C GLN B 57 0.39 -8.91 12.31
N VAL B 58 -0.66 -8.58 13.10
CA VAL B 58 -1.42 -7.32 12.89
C VAL B 58 -0.54 -6.11 13.17
N THR B 59 0.27 -6.16 14.24
CA THR B 59 1.22 -5.07 14.55
C THR B 59 2.19 -4.82 13.41
N GLN B 60 2.81 -5.91 12.87
CA GLN B 60 3.73 -5.82 11.74
C GLN B 60 3.02 -5.25 10.53
N LEU B 61 1.81 -5.74 10.24
CA LEU B 61 1.05 -5.29 9.08
C LEU B 61 0.71 -3.81 9.22
N SER B 62 0.37 -3.35 10.44
CA SER B 62 0.04 -1.95 10.69
CA SER B 62 0.03 -1.96 10.67
C SER B 62 1.24 -1.05 10.37
N ASN B 63 2.44 -1.50 10.75
CA ASN B 63 3.67 -0.76 10.45
C ASN B 63 3.86 -0.67 8.96
N SER B 64 3.67 -1.80 8.23
CA SER B 64 3.82 -1.80 6.75
C SER B 64 2.84 -0.88 6.09
N VAL B 65 1.59 -0.87 6.55
CA VAL B 65 0.57 0.00 5.95
C VAL B 65 0.96 1.48 6.16
N SER B 66 1.43 1.86 7.38
CA SER B 66 1.84 3.23 7.66
CA SER B 66 1.86 3.23 7.67
C SER B 66 3.02 3.62 6.73
N GLN B 67 3.97 2.68 6.51
CA GLN B 67 5.12 2.92 5.63
C GLN B 67 4.58 3.16 4.21
N ASN B 68 3.60 2.35 3.77
CA ASN B 68 3.05 2.53 2.43
C ASN B 68 2.31 3.85 2.27
N THR B 69 1.48 4.25 3.25
CA THR B 69 0.75 5.52 3.15
C THR B 69 1.78 6.67 3.03
N GLN B 70 2.90 6.60 3.81
CA GLN B 70 3.91 7.65 3.72
C GLN B 70 4.64 7.61 2.34
N SER B 71 4.97 6.43 1.83
CA SER B 71 5.61 6.30 0.51
C SER B 71 4.70 6.87 -0.61
N ILE B 72 3.41 6.60 -0.50
CA ILE B 72 2.44 7.15 -1.47
C ILE B 72 2.40 8.70 -1.39
N SER B 73 2.42 9.29 -0.17
CA SER B 73 2.39 10.73 -0.06
CA SER B 73 2.42 10.74 -0.05
C SER B 73 3.70 11.31 -0.69
N SER B 74 4.87 10.65 -0.47
CA SER B 74 6.14 11.11 -1.06
CA SER B 74 6.13 11.12 -1.07
C SER B 74 6.08 11.05 -2.60
N LEU B 75 5.55 9.94 -3.15
CA LEU B 75 5.44 9.83 -4.63
C LEU B 75 4.48 10.89 -5.17
N GLY B 76 3.38 11.17 -4.45
CA GLY B 76 2.40 12.20 -4.82
C GLY B 76 3.07 13.56 -4.89
N ASP B 77 3.94 13.87 -3.91
CA ASP B 77 4.61 15.16 -3.89
C ASP B 77 5.56 15.29 -5.11
N ARG B 78 6.19 14.17 -5.51
CA ARG B 78 7.13 14.19 -6.64
C ARG B 78 6.37 14.36 -7.96
N ILE B 79 5.25 13.65 -8.14
CA ILE B 79 4.44 13.82 -9.37
CA ILE B 79 4.40 13.80 -9.38
C ILE B 79 3.80 15.19 -9.40
N ASN B 80 3.39 15.74 -8.24
CA ASN B 80 2.84 17.07 -8.18
C ASN B 80 3.89 18.10 -8.64
N ALA B 81 5.15 17.87 -8.36
CA ALA B 81 6.21 18.79 -8.72
C ALA B 81 6.54 18.64 -10.21
N VAL B 82 6.50 17.42 -10.74
CA VAL B 82 6.86 17.11 -12.15
CA VAL B 82 6.89 17.20 -12.13
C VAL B 82 5.85 17.65 -13.18
N GLU B 83 4.56 17.48 -12.88
CA GLU B 83 3.51 17.85 -13.83
C GLU B 83 3.62 19.30 -14.30
N PRO B 84 3.69 20.33 -13.45
CA PRO B 84 3.77 21.70 -13.98
C PRO B 84 5.08 21.96 -14.70
N ARG B 85 6.14 21.19 -14.38
CA ARG B 85 7.41 21.36 -15.13
C ARG B 85 7.27 20.89 -16.58
N VAL B 86 6.51 19.80 -16.82
CA VAL B 86 6.20 19.28 -18.15
C VAL B 86 5.24 20.26 -18.84
N ASP B 87 4.25 20.80 -18.11
CA ASP B 87 3.36 21.82 -18.74
C ASP B 87 4.20 23.06 -19.17
N SER B 88 5.16 23.52 -18.35
CA SER B 88 6.02 24.65 -18.69
CA SER B 88 6.02 24.66 -18.70
C SER B 88 6.86 24.32 -19.96
N LEU B 89 7.41 23.13 -20.02
CA LEU B 89 8.21 22.70 -21.19
C LEU B 89 7.35 22.66 -22.47
N ASP B 90 6.07 22.22 -22.38
CA ASP B 90 5.20 22.28 -23.56
C ASP B 90 4.98 23.71 -24.00
N THR B 91 4.83 24.68 -23.07
CA THR B 91 4.69 26.11 -23.40
C THR B 91 5.99 26.65 -24.06
N VAL B 92 7.14 26.37 -23.44
CA VAL B 92 8.40 26.84 -24.00
C VAL B 92 8.56 26.27 -25.42
N THR B 93 8.35 24.95 -25.60
CA THR B 93 8.56 24.37 -26.92
CA THR B 93 8.53 24.32 -26.90
C THR B 93 7.55 24.86 -27.94
N SER B 94 6.27 25.11 -27.51
CA SER B 94 5.29 25.62 -28.48
C SER B 94 5.76 27.00 -28.99
N ASN B 95 6.24 27.86 -28.07
CA ASN B 95 6.68 29.19 -28.43
C ASN B 95 7.96 29.12 -29.29
N LEU B 96 8.87 28.17 -29.03
CA LEU B 96 10.10 28.01 -29.84
C LEU B 96 9.77 27.47 -31.22
N THR B 97 8.75 26.63 -31.32
CA THR B 97 8.35 26.10 -32.61
C THR B 97 7.92 27.26 -33.56
N GLY B 98 7.07 28.17 -33.02
CA GLY B 98 6.61 29.30 -33.83
C GLY B 98 7.77 30.18 -34.26
N ARG B 99 8.69 30.43 -33.33
CA ARG B 99 9.87 31.26 -33.61
C ARG B 99 10.80 30.61 -34.64
N THR B 100 10.97 29.28 -34.60
CA THR B 100 11.80 28.59 -35.58
C THR B 100 11.16 28.65 -36.96
N SER B 101 9.84 28.43 -37.06
CA SER B 101 9.12 28.54 -38.37
CA SER B 101 9.19 28.51 -38.38
C SER B 101 9.27 29.94 -38.93
N THR B 102 9.14 30.96 -38.09
CA THR B 102 9.25 32.36 -38.52
C THR B 102 10.68 32.61 -39.02
N LEU B 103 11.69 32.09 -38.28
CA LEU B 103 13.09 32.24 -38.78
C LEU B 103 13.28 31.55 -40.13
N GLU B 104 12.70 30.36 -40.32
CA GLU B 104 12.91 29.67 -41.59
C GLU B 104 12.29 30.50 -42.76
N ALA B 105 11.10 31.15 -42.50
CA ALA B 105 10.47 32.00 -43.55
C ALA B 105 11.35 33.26 -43.77
N ASP B 106 11.90 33.85 -42.68
CA ASP B 106 12.68 35.09 -42.78
C ASP B 106 13.99 34.84 -43.48
N VAL B 107 14.66 33.74 -43.19
CA VAL B 107 15.93 33.41 -43.89
C VAL B 107 15.64 33.09 -45.38
N GLY B 108 14.52 32.42 -45.69
CA GLY B 108 14.15 32.18 -47.09
C GLY B 108 13.94 33.49 -47.83
N SER B 109 13.29 34.47 -47.18
CA SER B 109 13.04 35.82 -47.72
CA SER B 109 13.04 35.78 -47.80
C SER B 109 14.39 36.51 -47.99
N LEU B 110 15.32 36.49 -46.99
CA LEU B 110 16.63 37.13 -47.08
C LEU B 110 17.45 36.50 -48.22
N ARG B 111 17.34 35.18 -48.38
CA ARG B 111 18.08 34.50 -49.46
C ARG B 111 17.55 34.97 -50.83
N THR B 112 16.24 35.08 -50.98
CA THR B 112 15.62 35.54 -52.27
C THR B 112 15.99 37.00 -52.53
N GLU B 113 15.93 37.83 -51.48
CA GLU B 113 16.25 39.23 -51.66
C GLU B 113 17.74 39.48 -51.96
N LEU B 114 18.64 38.66 -51.36
CA LEU B 114 20.06 38.79 -51.66
C LEU B 114 20.35 38.38 -53.15
N ALA B 115 19.68 37.29 -53.60
CA ALA B 115 19.81 36.84 -55.02
C ALA B 115 19.29 37.93 -55.97
N ALA B 116 18.19 38.64 -55.59
CA ALA B 116 17.64 39.71 -56.44
C ALA B 116 18.61 40.90 -56.51
N LEU B 117 19.26 41.25 -55.40
CA LEU B 117 20.21 42.38 -55.42
C LEU B 117 21.46 41.98 -56.23
N THR B 118 21.89 40.69 -56.10
CA THR B 118 23.02 40.19 -56.90
C THR B 118 22.73 40.35 -58.41
N THR B 119 21.50 39.93 -58.83
CA THR B 119 21.09 40.06 -60.22
C THR B 119 21.03 41.52 -60.62
N ARG B 120 20.49 42.40 -59.73
CA ARG B 120 20.35 43.80 -60.06
C ARG B 120 21.71 44.47 -60.25
N VAL B 121 22.69 44.10 -59.42
CA VAL B 121 24.04 44.65 -59.58
C VAL B 121 24.55 44.22 -60.95
N THR B 122 24.36 42.93 -61.34
CA THR B 122 24.82 42.51 -62.67
C THR B 122 24.13 43.30 -63.77
N THR B 123 22.81 43.47 -63.67
CA THR B 123 22.06 44.21 -64.69
C THR B 123 22.51 45.66 -64.86
N GLU B 124 22.67 46.37 -63.73
CA GLU B 124 23.02 47.79 -63.76
C GLU B 124 24.46 48.00 -64.16
N VAL B 125 25.37 47.15 -63.69
CA VAL B 125 26.76 47.28 -64.09
C VAL B 125 26.90 47.02 -65.59
N THR B 126 26.20 46.00 -66.12
CA THR B 126 26.22 45.68 -67.55
C THR B 126 25.77 46.91 -68.33
N ARG B 127 24.63 47.51 -67.93
CA ARG B 127 24.04 48.68 -68.58
C ARG B 127 25.04 49.85 -68.59
N LEU B 128 25.63 50.20 -67.43
CA LEU B 128 26.59 51.31 -67.32
C LEU B 128 27.83 51.06 -68.20
N ASP B 129 28.37 49.83 -68.19
CA ASP B 129 29.52 49.46 -69.03
C ASP B 129 29.23 49.67 -70.49
N GLY B 130 28.01 49.32 -70.92
CA GLY B 130 27.53 49.49 -72.30
C GLY B 130 27.43 50.95 -72.74
N LEU B 131 27.22 51.88 -71.78
CA LEU B 131 27.17 53.34 -72.08
C LEU B 131 28.55 53.97 -72.16
N ILE B 132 29.57 53.34 -71.58
CA ILE B 132 30.94 53.87 -71.54
C ILE B 132 31.72 53.39 -72.76
N ALA C 2 -31.71 -54.50 73.96
CA ALA C 2 -32.56 -54.89 72.83
C ALA C 2 -33.34 -53.71 72.29
N GLU C 3 -33.99 -52.92 73.19
CA GLU C 3 -34.72 -51.71 72.82
C GLU C 3 -33.76 -50.68 72.24
N GLU C 4 -32.53 -50.64 72.81
CA GLU C 4 -31.46 -49.76 72.36
C GLU C 4 -31.07 -50.20 70.93
N ILE C 5 -30.98 -51.55 70.70
CA ILE C 5 -30.60 -52.11 69.41
C ILE C 5 -31.61 -51.74 68.37
N LYS C 6 -32.89 -52.03 68.61
CA LYS C 6 -33.97 -51.75 67.67
C LYS C 6 -34.00 -50.24 67.29
N LYS C 7 -33.82 -49.36 68.25
CA LYS C 7 -33.81 -47.91 67.98
C LYS C 7 -32.64 -47.52 67.04
N GLN C 8 -31.46 -48.06 67.32
CA GLN C 8 -30.32 -47.73 66.50
C GLN C 8 -30.46 -48.32 65.06
N VAL C 9 -31.01 -49.51 64.94
CA VAL C 9 -31.19 -50.11 63.63
C VAL C 9 -32.14 -49.21 62.80
N GLN C 10 -33.20 -48.67 63.44
CA GLN C 10 -34.12 -47.77 62.72
C GLN C 10 -33.39 -46.53 62.24
N VAL C 11 -32.56 -45.96 63.11
CA VAL C 11 -31.76 -44.77 62.75
C VAL C 11 -30.84 -45.11 61.54
N ASN C 12 -30.24 -46.32 61.56
CA ASN C 12 -29.36 -46.76 60.46
C ASN C 12 -30.12 -46.92 59.16
N VAL C 13 -31.36 -47.49 59.21
CA VAL C 13 -32.21 -47.55 57.99
C VAL C 13 -32.41 -46.16 57.40
N ASP C 14 -32.76 -45.18 58.23
CA ASP C 14 -33.08 -43.84 57.75
C ASP C 14 -31.82 -43.12 57.28
N ASP C 15 -30.71 -43.34 57.95
CA ASP C 15 -29.44 -42.72 57.52
C ASP C 15 -28.90 -43.32 56.23
N ILE C 16 -29.09 -44.62 55.99
CA ILE C 16 -28.65 -45.23 54.72
C ILE C 16 -29.50 -44.66 53.57
N ARG C 17 -30.83 -44.56 53.81
CA ARG C 17 -31.68 -44.00 52.75
C ARG C 17 -31.29 -42.52 52.47
N ALA C 18 -31.01 -41.75 53.53
CA ALA C 18 -30.63 -40.34 53.36
C ALA C 18 -29.30 -40.20 52.58
N ALA C 19 -28.34 -41.10 52.89
CA ALA C 19 -27.03 -41.05 52.22
C ALA C 19 -27.25 -41.34 50.73
N ASN C 20 -28.11 -42.35 50.41
CA ASN C 20 -28.39 -42.74 49.02
C ASN C 20 -29.05 -41.58 48.25
N ILE C 21 -29.91 -40.80 48.91
CA ILE C 21 -30.50 -39.59 48.27
C ILE C 21 -29.40 -38.54 48.01
N LYS C 22 -28.44 -38.34 48.94
CA LYS C 22 -27.35 -37.39 48.71
C LYS C 22 -26.45 -37.89 47.56
N LEU C 23 -26.26 -39.21 47.42
CA LEU C 23 -25.44 -39.77 46.32
C LEU C 23 -26.14 -39.48 45.00
N ASP C 24 -27.51 -39.59 44.98
CA ASP C 24 -28.26 -39.28 43.74
C ASP C 24 -28.10 -37.78 43.40
N GLY C 25 -28.03 -36.94 44.42
CA GLY C 25 -27.81 -35.50 44.24
C GLY C 25 -26.42 -35.23 43.63
N LEU C 26 -25.40 -35.95 44.09
CA LEU C 26 -24.05 -35.81 43.50
C LEU C 26 -24.03 -36.24 42.04
N GLY C 27 -24.78 -37.27 41.68
CA GLY C 27 -24.93 -37.74 40.32
C GLY C 27 -25.57 -36.66 39.45
N ARG C 28 -26.54 -35.93 40.00
CA ARG C 28 -27.15 -34.82 39.23
C ARG C 28 -26.17 -33.67 39.04
N GLN C 29 -25.36 -33.39 40.05
CA GLN C 29 -24.29 -32.34 39.92
C GLN C 29 -23.28 -32.74 38.86
N ILE C 30 -22.91 -34.01 38.81
CA ILE C 30 -21.97 -34.48 37.77
C ILE C 30 -22.61 -34.36 36.37
N ALA C 31 -23.92 -34.68 36.24
CA ALA C 31 -24.59 -34.51 34.95
C ALA C 31 -24.57 -33.05 34.54
N ASP C 32 -24.76 -32.13 35.50
CA ASP C 32 -24.76 -30.69 35.14
C ASP C 32 -23.36 -30.25 34.71
N ILE C 33 -22.31 -30.74 35.40
CA ILE C 33 -20.92 -30.45 35.01
C ILE C 33 -20.66 -31.01 33.60
N SER C 34 -21.16 -32.22 33.27
CA SER C 34 -20.98 -32.79 31.93
CA SER C 34 -20.99 -32.79 31.92
CA SER C 34 -20.96 -32.77 31.93
C SER C 34 -21.62 -31.89 30.87
N ASN C 35 -22.77 -31.23 31.18
N ASN C 35 -22.77 -31.27 31.18
CA ASN C 35 -23.44 -30.31 30.25
CA ASN C 35 -23.43 -30.35 30.25
C ASN C 35 -22.61 -29.02 30.09
C ASN C 35 -22.54 -29.12 30.07
N SER C 36 -22.00 -28.55 31.19
CA SER C 36 -21.12 -27.37 31.11
C SER C 36 -19.90 -27.70 30.22
N ILE C 37 -19.35 -28.93 30.36
CA ILE C 37 -18.17 -29.31 29.58
C ILE C 37 -18.51 -29.42 28.09
N SER C 38 -19.69 -30.04 27.76
CA SER C 38 -20.14 -30.16 26.37
CA SER C 38 -20.06 -30.14 26.37
CA SER C 38 -20.09 -30.16 26.36
C SER C 38 -20.23 -28.78 25.72
N THR C 39 -20.82 -27.79 26.46
CA THR C 39 -20.98 -26.42 25.96
C THR C 39 -19.64 -25.74 25.78
N ILE C 40 -18.74 -25.91 26.73
CA ILE C 40 -17.38 -25.34 26.64
C ILE C 40 -16.71 -25.88 25.38
N GLU C 41 -16.83 -27.17 25.12
CA GLU C 41 -16.23 -27.80 23.92
C GLU C 41 -16.82 -27.26 22.64
N SER C 42 -18.13 -26.93 22.60
CA SER C 42 -18.76 -26.30 21.44
C SER C 42 -18.21 -24.90 21.25
N ARG C 43 -18.04 -24.15 22.37
CA ARG C 43 -17.50 -22.78 22.33
C ARG C 43 -16.07 -22.77 21.84
N LEU C 44 -15.25 -23.75 22.26
CA LEU C 44 -13.86 -23.86 21.85
C LEU C 44 -13.82 -24.15 20.32
N GLY C 45 -14.73 -24.99 19.83
CA GLY C 45 -14.84 -25.21 18.38
C GLY C 45 -15.22 -23.96 17.58
N GLU C 46 -16.19 -23.14 18.06
CA GLU C 46 -16.56 -21.93 17.39
C GLU C 46 -15.40 -20.91 17.43
N MET C 47 -14.64 -20.90 18.53
CA MET C 47 -13.53 -19.95 18.63
CA MET C 47 -13.49 -20.00 18.70
C MET C 47 -12.42 -20.38 17.69
N ASP C 48 -12.20 -21.68 17.54
CA ASP C 48 -11.24 -22.26 16.57
C ASP C 48 -11.64 -21.77 15.15
N ASN C 49 -12.93 -21.80 14.82
CA ASN C 49 -13.42 -21.36 13.51
C ASN C 49 -13.17 -19.86 13.32
N ARG C 50 -13.42 -19.06 14.36
CA ARG C 50 -13.19 -17.61 14.29
C ARG C 50 -11.75 -17.30 14.11
N LEU C 51 -10.85 -18.05 14.78
CA LEU C 51 -9.42 -17.84 14.67
C LEU C 51 -8.95 -18.19 13.24
N VAL C 52 -9.54 -19.24 12.64
CA VAL C 52 -9.20 -19.57 11.23
C VAL C 52 -9.65 -18.38 10.32
N GLY C 53 -10.84 -17.85 10.54
CA GLY C 53 -11.39 -16.77 9.72
C GLY C 53 -10.56 -15.51 9.84
N ILE C 54 -10.18 -15.14 11.08
CA ILE C 54 -9.33 -13.95 11.30
CA ILE C 54 -9.36 -13.94 11.25
C ILE C 54 -7.95 -14.15 10.69
N SER C 55 -7.37 -15.34 10.82
CA SER C 55 -6.06 -15.62 10.27
C SER C 55 -6.11 -15.47 8.75
N SER C 56 -7.23 -15.89 8.12
CA SER C 56 -7.36 -15.77 6.66
C SER C 56 -7.44 -14.30 6.28
N GLN C 57 -8.20 -13.51 7.03
CA GLN C 57 -8.33 -12.08 6.76
C GLN C 57 -6.95 -11.40 6.88
N VAL C 58 -6.15 -11.75 7.89
CA VAL C 58 -4.81 -11.14 8.08
C VAL C 58 -3.88 -11.57 6.94
N THR C 59 -3.90 -12.85 6.56
CA THR C 59 -3.10 -13.38 5.44
C THR C 59 -3.41 -12.64 4.14
N GLN C 60 -4.71 -12.51 3.83
CA GLN C 60 -5.18 -11.80 2.61
C GLN C 60 -4.76 -10.32 2.68
N LEU C 61 -4.95 -9.67 3.84
CA LEU C 61 -4.57 -8.27 3.99
C LEU C 61 -3.06 -8.11 3.78
N SER C 62 -2.25 -9.05 4.30
CA SER C 62 -0.80 -9.04 4.15
CA SER C 62 -0.79 -9.03 4.15
C SER C 62 -0.42 -9.10 2.67
N ASN C 63 -1.11 -9.95 1.92
CA ASN C 63 -0.85 -10.11 0.51
CA ASN C 63 -0.97 -10.10 0.47
C ASN C 63 -1.23 -8.82 -0.23
N SER C 64 -2.36 -8.14 0.11
CA SER C 64 -2.79 -6.86 -0.48
CA SER C 64 -2.73 -6.89 -0.54
C SER C 64 -1.73 -5.79 -0.24
N VAL C 65 -1.19 -5.75 1.02
CA VAL C 65 -0.19 -4.75 1.39
C VAL C 65 1.10 -5.01 0.63
N SER C 66 1.51 -6.28 0.47
CA SER C 66 2.70 -6.70 -0.27
C SER C 66 2.58 -6.27 -1.73
N GLN C 67 1.38 -6.42 -2.30
CA GLN C 67 1.11 -5.98 -3.68
C GLN C 67 1.24 -4.48 -3.79
N ASN C 68 0.74 -3.75 -2.78
CA ASN C 68 0.86 -2.27 -2.76
C ASN C 68 2.32 -1.86 -2.61
N THR C 69 3.12 -2.53 -1.74
CA THR C 69 4.55 -2.19 -1.61
C THR C 69 5.24 -2.38 -2.97
N GLN C 70 4.91 -3.45 -3.70
CA GLN C 70 5.50 -3.70 -5.04
C GLN C 70 5.04 -2.61 -6.04
N SER C 71 3.76 -2.22 -6.04
CA SER C 71 3.25 -1.17 -6.93
C SER C 71 3.94 0.17 -6.62
N ILE C 72 4.15 0.49 -5.33
CA ILE C 72 4.81 1.73 -4.93
C ILE C 72 6.26 1.72 -5.44
N SER C 73 6.96 0.58 -5.32
CA SER C 73 8.36 0.45 -5.79
C SER C 73 8.41 0.69 -7.32
N SER C 74 7.45 0.11 -8.08
CA SER C 74 7.34 0.29 -9.52
CA SER C 74 7.36 0.31 -9.52
C SER C 74 7.09 1.77 -9.88
N LEU C 75 6.17 2.44 -9.19
CA LEU C 75 5.89 3.86 -9.47
C LEU C 75 7.15 4.68 -9.12
N GLY C 76 7.88 4.34 -8.05
CA GLY C 76 9.12 5.01 -7.67
C GLY C 76 10.16 4.90 -8.77
N ASP C 77 10.26 3.72 -9.38
CA ASP C 77 11.21 3.50 -10.51
C ASP C 77 10.84 4.39 -11.68
N ARG C 78 9.55 4.53 -11.96
CA ARG C 78 9.06 5.33 -13.10
C ARG C 78 9.30 6.84 -12.85
N ILE C 79 9.05 7.35 -11.63
CA ILE C 79 9.31 8.75 -11.33
CA ILE C 79 9.32 8.74 -11.30
C ILE C 79 10.85 8.99 -11.28
N ASN C 80 11.64 8.02 -10.83
CA ASN C 80 13.10 8.14 -10.78
C ASN C 80 13.59 8.32 -12.22
N ALA C 81 12.97 7.60 -13.17
CA ALA C 81 13.41 7.69 -14.57
C ALA C 81 12.96 9.00 -15.21
N VAL C 82 11.76 9.50 -14.86
CA VAL C 82 11.20 10.72 -15.46
CA VAL C 82 11.28 10.70 -15.51
C VAL C 82 11.92 12.02 -15.02
N GLU C 83 12.20 12.15 -13.72
CA GLU C 83 12.77 13.38 -13.19
C GLU C 83 14.00 13.87 -13.89
N PRO C 84 15.05 13.04 -14.13
CA PRO C 84 16.25 13.56 -14.82
C PRO C 84 15.97 13.89 -16.30
N ARG C 85 14.95 13.25 -16.89
CA ARG C 85 14.59 13.58 -18.29
C ARG C 85 13.98 14.97 -18.35
N VAL C 86 13.19 15.37 -17.33
CA VAL C 86 12.63 16.73 -17.26
C VAL C 86 13.76 17.72 -16.96
N ASP C 87 14.72 17.38 -16.03
CA ASP C 87 15.85 18.27 -15.81
C ASP C 87 16.64 18.51 -17.11
N SER C 88 16.85 17.43 -17.90
CA SER C 88 17.59 17.53 -19.15
C SER C 88 16.86 18.43 -20.14
N LEU C 89 15.52 18.28 -20.23
CA LEU C 89 14.72 19.10 -21.14
C LEU C 89 14.73 20.56 -20.77
N ASP C 90 14.75 20.88 -19.44
CA ASP C 90 14.90 22.30 -19.05
C ASP C 90 16.20 22.87 -19.64
N THR C 91 17.32 22.14 -19.51
CA THR C 91 18.60 22.62 -20.05
C THR C 91 18.55 22.72 -21.58
N VAL C 92 18.04 21.69 -22.26
CA VAL C 92 17.96 21.69 -23.74
C VAL C 92 17.13 22.88 -24.23
N THR C 93 15.93 23.10 -23.66
CA THR C 93 15.11 24.22 -24.15
C THR C 93 15.66 25.54 -23.78
N SER C 94 16.34 25.65 -22.62
CA SER C 94 16.95 26.96 -22.29
C SER C 94 18.09 27.29 -23.27
N ASN C 95 18.88 26.28 -23.65
CA ASN C 95 20.01 26.51 -24.60
C ASN C 95 19.41 26.81 -26.00
N LEU C 96 18.33 26.14 -26.38
CA LEU C 96 17.70 26.41 -27.68
CA LEU C 96 17.68 26.39 -27.66
C LEU C 96 17.14 27.81 -27.72
N THR C 97 16.55 28.27 -26.59
CA THR C 97 16.00 29.59 -26.57
C THR C 97 17.11 30.66 -26.86
N GLY C 98 18.28 30.54 -26.20
CA GLY C 98 19.39 31.44 -26.46
C GLY C 98 19.78 31.45 -27.94
N ARG C 99 19.87 30.26 -28.53
CA ARG C 99 20.28 30.13 -29.94
C ARG C 99 19.22 30.73 -30.91
N THR C 100 17.91 30.58 -30.56
CA THR C 100 16.85 31.21 -31.37
C THR C 100 16.93 32.73 -31.27
N SER C 101 17.12 33.27 -30.05
CA SER C 101 17.27 34.72 -29.90
CA SER C 101 17.23 34.73 -29.94
C SER C 101 18.46 35.26 -30.68
N THR C 102 19.57 34.54 -30.64
CA THR C 102 20.80 34.98 -31.36
C THR C 102 20.51 34.97 -32.87
N LEU C 103 19.82 33.94 -33.35
CA LEU C 103 19.45 33.89 -34.79
C LEU C 103 18.51 35.05 -35.14
N GLU C 104 17.54 35.37 -34.27
CA GLU C 104 16.61 36.47 -34.62
C GLU C 104 17.39 37.80 -34.69
N ALA C 105 18.38 38.02 -33.79
CA ALA C 105 19.15 39.26 -33.84
C ALA C 105 20.02 39.30 -35.12
N ASP C 106 20.61 38.17 -35.46
CA ASP C 106 21.51 38.08 -36.62
CA ASP C 106 21.50 38.07 -36.60
C ASP C 106 20.73 38.27 -37.91
N VAL C 107 19.57 37.64 -38.03
CA VAL C 107 18.77 37.81 -39.26
C VAL C 107 18.26 39.23 -39.38
N GLY C 108 17.86 39.86 -38.27
CA GLY C 108 17.45 41.27 -38.29
C GLY C 108 18.56 42.19 -38.75
N SER C 109 19.77 41.98 -38.25
CA SER C 109 20.96 42.75 -38.63
C SER C 109 21.26 42.54 -40.12
N LEU C 110 21.19 41.28 -40.62
CA LEU C 110 21.49 41.00 -42.03
C LEU C 110 20.44 41.68 -42.94
N ARG C 111 19.18 41.70 -42.49
CA ARG C 111 18.15 42.36 -43.32
C ARG C 111 18.35 43.84 -43.39
N THR C 112 18.70 44.46 -42.28
CA THR C 112 18.96 45.89 -42.27
CA THR C 112 18.99 45.89 -42.22
C THR C 112 20.18 46.22 -43.13
N GLU C 113 21.24 45.40 -43.04
CA GLU C 113 22.45 45.63 -43.83
C GLU C 113 22.16 45.43 -45.33
N LEU C 114 21.34 44.43 -45.66
CA LEU C 114 20.99 44.21 -47.09
C LEU C 114 20.14 45.40 -47.63
N ALA C 115 19.26 45.96 -46.81
CA ALA C 115 18.42 47.13 -47.22
C ALA C 115 19.36 48.36 -47.41
N ALA C 116 20.39 48.51 -46.58
CA ALA C 116 21.34 49.64 -46.73
C ALA C 116 22.19 49.48 -48.05
N LEU C 117 22.58 48.22 -48.35
CA LEU C 117 23.33 47.96 -49.60
C LEU C 117 22.43 48.17 -50.81
N THR C 118 21.12 47.85 -50.69
CA THR C 118 20.17 48.11 -51.81
C THR C 118 20.11 49.62 -52.11
N THR C 119 20.02 50.45 -51.05
CA THR C 119 20.00 51.90 -51.21
CA THR C 119 20.01 51.90 -51.32
C THR C 119 21.33 52.40 -51.78
N ARG C 120 22.44 51.80 -51.34
CA ARG C 120 23.76 52.19 -51.85
C ARG C 120 23.88 51.91 -53.35
N VAL C 121 23.34 50.76 -53.81
CA VAL C 121 23.37 50.45 -55.25
C VAL C 121 22.56 51.50 -55.99
N THR C 122 21.37 51.87 -55.47
CA THR C 122 20.53 52.88 -56.17
C THR C 122 21.28 54.21 -56.21
N THR C 123 21.89 54.61 -55.12
CA THR C 123 22.64 55.89 -55.07
C THR C 123 23.79 55.93 -56.03
N GLU C 124 24.60 54.86 -56.03
CA GLU C 124 25.78 54.83 -56.89
C GLU C 124 25.41 54.74 -58.39
N VAL C 125 24.38 53.97 -58.74
CA VAL C 125 23.96 53.87 -60.14
C VAL C 125 23.40 55.22 -60.59
N THR C 126 22.62 55.88 -59.74
CA THR C 126 22.10 57.23 -60.07
C THR C 126 23.26 58.22 -60.33
N ARG C 127 24.26 58.22 -59.44
CA ARG C 127 25.44 59.08 -59.56
C ARG C 127 26.20 58.81 -60.84
N LEU C 128 26.51 57.53 -61.13
CA LEU C 128 27.22 57.14 -62.37
C LEU C 128 26.43 57.53 -63.62
N ASP C 129 25.13 57.32 -63.63
CA ASP C 129 24.24 57.69 -64.76
C ASP C 129 24.35 59.22 -65.02
N GLY C 130 24.39 60.00 -63.96
CA GLY C 130 24.54 61.46 -64.03
C GLY C 130 25.84 61.91 -64.65
N LEU C 131 26.92 61.14 -64.47
CA LEU C 131 28.22 61.48 -65.05
C LEU C 131 28.35 61.07 -66.52
N ILE C 132 27.56 60.11 -66.98
CA ILE C 132 27.58 59.61 -68.37
C ILE C 132 26.61 60.44 -69.23
#